data_2NUF
#
_entry.id   2NUF
#
_cell.length_a   64.1
_cell.length_b   51.1
_cell.length_c   113.4
_cell.angle_alpha   90.0
_cell.angle_beta   104.9
_cell.angle_gamma   90.0
#
_symmetry.space_group_name_H-M   'P 1 21 1'
#
loop_
_entity.id
_entity.type
_entity.pdbx_description
1 polymer 28-MER
2 polymer 'Ribonuclease III'
3 non-polymer 'MAGNESIUM ION'
4 water water
#
loop_
_entity_poly.entity_id
_entity_poly.type
_entity_poly.pdbx_seq_one_letter_code
_entity_poly.pdbx_strand_id
1 'polyribonucleotide' CAAGGUCAUUCGCAAGAGUGGCCUUGCG C,D
2 'polypeptide(L)'
;MKMLEQLEKKLGYTFKDKSLLEKALTHVSYSKKEHYETLEFLGDALVNFFIVDLLVQYSPNKREGFLSPLKAYLISEEFF
NLLAQKLELHKFIRIKRGKINETIIGDVFEALWAAVYIDSGRDANFTRELFYKLFKEDILSAIKEGRVKKDYKTILQEIT
QKRWKERPEYRLISVEGPHHKKKFIVEAKIKEYRTLGEGKSKKEAEQRAAEELIKLLEESE
;
A,B
#
loop_
_chem_comp.id
_chem_comp.type
_chem_comp.name
_chem_comp.formula
A RNA linking ADENOSINE-5'-MONOPHOSPHATE 'C10 H14 N5 O7 P'
C RNA linking CYTIDINE-5'-MONOPHOSPHATE 'C9 H14 N3 O8 P'
G RNA linking GUANOSINE-5'-MONOPHOSPHATE 'C10 H14 N5 O8 P'
MG non-polymer 'MAGNESIUM ION' 'Mg 2'
U RNA linking URIDINE-5'-MONOPHOSPHATE 'C9 H13 N2 O9 P'
#
# COMPACT_ATOMS: atom_id res chain seq x y z
N LYS C 2 -34.23 19.37 -3.48
CA LYS C 2 -32.73 19.46 -3.49
C LYS C 2 -32.20 18.37 -4.42
N MET C 3 -30.88 18.29 -4.55
CA MET C 3 -30.31 17.28 -5.42
C MET C 3 -29.42 16.29 -4.69
N LEU C 4 -28.89 16.69 -3.54
CA LEU C 4 -28.04 15.77 -2.79
C LEU C 4 -28.95 14.74 -2.14
N GLU C 5 -30.25 15.06 -2.08
CA GLU C 5 -31.23 14.15 -1.51
C GLU C 5 -31.40 13.04 -2.53
N GLN C 6 -31.08 13.36 -3.78
CA GLN C 6 -31.16 12.41 -4.88
C GLN C 6 -30.01 11.41 -4.74
N LEU C 7 -28.85 11.90 -4.30
CA LEU C 7 -27.69 11.04 -4.11
C LEU C 7 -27.91 10.14 -2.90
N GLU C 8 -28.47 10.72 -1.84
CA GLU C 8 -28.73 9.98 -0.61
C GLU C 8 -29.70 8.84 -0.88
N LYS C 9 -30.57 8.99 -1.87
CA LYS C 9 -31.50 7.93 -2.18
C LYS C 9 -30.73 6.77 -2.84
N LYS C 10 -29.74 7.11 -3.66
CA LYS C 10 -28.93 6.11 -4.36
C LYS C 10 -28.11 5.31 -3.34
N LEU C 11 -27.45 6.02 -2.44
CA LEU C 11 -26.64 5.37 -1.41
C LEU C 11 -27.52 4.60 -0.45
N GLY C 12 -28.72 5.11 -0.20
CA GLY C 12 -29.62 4.45 0.73
C GLY C 12 -29.25 4.85 2.15
N TYR C 13 -28.91 6.11 2.32
CA TYR C 13 -28.54 6.65 3.63
C TYR C 13 -28.71 8.17 3.61
N THR C 14 -29.19 8.72 4.72
CA THR C 14 -29.39 10.16 4.84
C THR C 14 -28.46 10.77 5.86
N PHE C 15 -27.82 11.87 5.49
CA PHE C 15 -26.89 12.51 6.40
C PHE C 15 -27.63 13.35 7.39
N LYS C 16 -26.96 13.58 8.52
CA LYS C 16 -27.47 14.41 9.59
C LYS C 16 -26.78 15.74 9.35
N ASP C 17 -25.56 15.64 8.82
CA ASP C 17 -24.72 16.78 8.49
C ASP C 17 -24.49 16.81 6.99
N LYS C 18 -25.40 17.46 6.27
CA LYS C 18 -25.33 17.57 4.81
C LYS C 18 -24.02 18.19 4.33
N SER C 19 -23.46 19.11 5.11
CA SER C 19 -22.22 19.77 4.70
C SER C 19 -21.04 18.80 4.64
N LEU C 20 -21.15 17.68 5.35
CA LEU C 20 -20.09 16.69 5.35
C LEU C 20 -20.18 15.98 4.01
N LEU C 21 -21.41 15.71 3.59
CA LEU C 21 -21.67 15.06 2.31
C LEU C 21 -21.17 15.95 1.19
N GLU C 22 -21.36 17.26 1.35
CA GLU C 22 -20.92 18.21 0.34
C GLU C 22 -19.41 18.22 0.28
N LYS C 23 -18.79 17.98 1.43
CA LYS C 23 -17.33 17.96 1.52
C LYS C 23 -16.79 16.85 0.64
N ALA C 24 -17.37 15.65 0.77
CA ALA C 24 -16.93 14.49 -0.02
C ALA C 24 -17.03 14.72 -1.53
N LEU C 25 -17.93 15.60 -1.93
CA LEU C 25 -18.16 15.89 -3.33
C LEU C 25 -17.35 17.10 -3.86
N THR C 26 -16.72 17.87 -2.99
CA THR C 26 -16.00 19.05 -3.44
C THR C 26 -14.51 18.92 -3.69
N HIS C 27 -14.11 19.28 -4.91
CA HIS C 27 -12.72 19.22 -5.32
C HIS C 27 -12.03 20.50 -4.87
N VAL C 28 -10.72 20.44 -4.71
CA VAL C 28 -9.93 21.57 -4.25
C VAL C 28 -10.15 22.87 -5.03
N SER C 29 -10.18 22.81 -6.35
CA SER C 29 -10.36 24.02 -7.14
C SER C 29 -11.66 24.76 -6.83
N TYR C 30 -12.72 24.01 -6.53
CA TYR C 30 -14.01 24.60 -6.22
C TYR C 30 -14.03 25.26 -4.85
N SER C 31 -13.23 24.74 -3.92
CA SER C 31 -13.16 25.29 -2.56
C SER C 31 -11.84 24.93 -1.89
N LYS C 32 -11.03 25.94 -1.57
CA LYS C 32 -9.74 25.72 -0.94
C LYS C 32 -9.83 25.29 0.52
N LYS C 33 -10.94 25.62 1.20
CA LYS C 33 -11.11 25.29 2.62
C LYS C 33 -11.76 23.94 2.90
N GLU C 34 -12.88 23.66 2.26
CA GLU C 34 -13.57 22.40 2.52
C GLU C 34 -13.72 21.47 1.31
N HIS C 35 -12.72 20.61 1.10
CA HIS C 35 -12.74 19.66 -0.02
C HIS C 35 -12.43 18.21 0.46
N TYR C 36 -12.45 17.29 -0.49
CA TYR C 36 -12.36 15.86 -0.14
C TYR C 36 -10.99 15.20 0.10
N GLU C 37 -9.90 15.94 0.00
CA GLU C 37 -8.58 15.29 0.19
C GLU C 37 -8.43 14.42 1.46
N THR C 38 -8.74 14.96 2.62
CA THR C 38 -8.59 14.18 3.86
C THR C 38 -9.53 12.99 3.99
N LEU C 39 -10.76 13.15 3.52
CA LEU C 39 -11.76 12.08 3.56
C LEU C 39 -11.32 10.91 2.68
N GLU C 40 -10.76 11.24 1.51
CA GLU C 40 -10.31 10.20 0.60
C GLU C 40 -9.22 9.37 1.29
N PHE C 41 -8.43 10.03 2.13
CA PHE C 41 -7.37 9.37 2.87
C PHE C 41 -8.02 8.29 3.73
N LEU C 42 -9.00 8.68 4.55
CA LEU C 42 -9.73 7.76 5.42
C LEU C 42 -10.56 6.76 4.64
N GLY C 43 -11.21 7.22 3.59
CA GLY C 43 -12.02 6.34 2.78
C GLY C 43 -11.22 5.21 2.19
N ASP C 44 -9.97 5.50 1.85
CA ASP C 44 -9.07 4.52 1.24
C ASP C 44 -8.95 3.29 2.14
N ALA C 45 -8.78 3.53 3.45
CA ALA C 45 -8.64 2.46 4.43
C ALA C 45 -9.94 1.70 4.65
N LEU C 46 -11.02 2.45 4.85
CA LEU C 46 -12.32 1.86 5.08
C LEU C 46 -12.67 0.84 3.98
N VAL C 47 -12.60 1.30 2.74
CA VAL C 47 -12.93 0.46 1.59
C VAL C 47 -11.97 -0.69 1.40
N ASN C 48 -10.68 -0.41 1.60
CA ASN C 48 -9.67 -1.44 1.47
C ASN C 48 -10.13 -2.59 2.35
N PHE C 49 -10.48 -2.23 3.58
CA PHE C 49 -10.97 -3.19 4.57
C PHE C 49 -12.24 -3.95 4.12
N PHE C 50 -13.14 -3.25 3.45
CA PHE C 50 -14.35 -3.90 2.98
C PHE C 50 -14.06 -4.93 1.92
N ILE C 51 -13.20 -4.58 0.97
CA ILE C 51 -12.82 -5.49 -0.12
C ILE C 51 -12.04 -6.67 0.43
N VAL C 52 -11.07 -6.40 1.28
CA VAL C 52 -10.30 -7.49 1.83
C VAL C 52 -11.18 -8.50 2.56
N ASP C 53 -12.08 -8.03 3.40
CA ASP C 53 -12.93 -8.94 4.13
C ASP C 53 -13.64 -9.90 3.19
N LEU C 54 -14.18 -9.41 2.07
CA LEU C 54 -14.85 -10.28 1.11
C LEU C 54 -13.86 -11.21 0.42
N LEU C 55 -12.77 -10.63 -0.06
CA LEU C 55 -11.76 -11.41 -0.76
C LEU C 55 -11.35 -12.66 0.00
N VAL C 56 -11.10 -12.52 1.30
CA VAL C 56 -10.67 -13.68 2.07
C VAL C 56 -11.77 -14.69 2.32
N GLN C 57 -13.02 -14.29 2.23
CA GLN C 57 -14.08 -15.26 2.45
C GLN C 57 -14.46 -16.00 1.17
N TYR C 58 -14.48 -15.29 0.05
CA TYR C 58 -14.89 -15.92 -1.19
C TYR C 58 -13.81 -16.23 -2.22
N SER C 59 -12.59 -15.70 -2.07
CA SER C 59 -11.60 -16.01 -3.08
C SER C 59 -11.40 -17.51 -3.23
N PRO C 60 -11.42 -18.01 -4.47
CA PRO C 60 -11.23 -19.44 -4.74
C PRO C 60 -9.85 -19.91 -4.31
N ASN C 61 -8.85 -19.08 -4.59
CA ASN C 61 -7.46 -19.38 -4.25
C ASN C 61 -7.03 -18.41 -3.15
N LYS C 62 -6.37 -18.92 -2.11
CA LYS C 62 -5.91 -18.05 -1.03
C LYS C 62 -4.40 -17.90 -0.88
N ARG C 63 -3.67 -18.07 -1.98
CA ARG C 63 -2.23 -17.93 -1.98
C ARG C 63 -1.91 -16.43 -2.06
N GLU C 64 -0.89 -15.99 -1.35
CA GLU C 64 -0.52 -14.58 -1.35
C GLU C 64 -0.21 -14.05 -2.75
N GLY C 65 0.38 -14.88 -3.59
CA GLY C 65 0.69 -14.43 -4.93
C GLY C 65 -0.54 -14.17 -5.78
N PHE C 66 -1.68 -14.74 -5.39
CA PHE C 66 -2.93 -14.58 -6.13
C PHE C 66 -3.77 -13.48 -5.51
N LEU C 67 -3.81 -13.47 -4.18
CA LEU C 67 -4.58 -12.49 -3.44
C LEU C 67 -4.06 -11.05 -3.55
N SER C 68 -2.75 -10.88 -3.67
CA SER C 68 -2.18 -9.55 -3.78
C SER C 68 -2.58 -8.90 -5.10
N PRO C 69 -2.34 -9.59 -6.22
CA PRO C 69 -2.70 -9.03 -7.53
C PRO C 69 -4.18 -8.68 -7.56
N LEU C 70 -5.02 -9.65 -7.18
CA LEU C 70 -6.45 -9.46 -7.16
C LEU C 70 -6.85 -8.29 -6.25
N LYS C 71 -6.29 -8.22 -5.05
CA LYS C 71 -6.64 -7.10 -4.18
C LYS C 71 -6.23 -5.80 -4.87
N ALA C 72 -5.13 -5.85 -5.61
CA ALA C 72 -4.63 -4.68 -6.31
C ALA C 72 -5.70 -4.15 -7.26
N TYR C 73 -6.36 -5.07 -7.94
CA TYR C 73 -7.38 -4.70 -8.89
C TYR C 73 -8.66 -4.23 -8.20
N LEU C 74 -9.17 -5.01 -7.28
CA LEU C 74 -10.43 -4.70 -6.59
C LEU C 74 -10.47 -3.36 -5.88
N ILE C 75 -9.32 -2.76 -5.59
CA ILE C 75 -9.33 -1.45 -4.92
C ILE C 75 -8.77 -0.37 -5.83
N SER C 76 -8.59 -0.68 -7.11
CA SER C 76 -8.03 0.30 -8.05
C SER C 76 -9.06 1.26 -8.62
N GLU C 77 -8.57 2.43 -9.03
CA GLU C 77 -9.39 3.47 -9.63
C GLU C 77 -10.32 2.85 -10.69
N GLU C 78 -9.71 2.07 -11.58
CA GLU C 78 -10.43 1.38 -12.64
C GLU C 78 -11.67 0.68 -12.10
N PHE C 79 -11.53 -0.03 -10.99
CA PHE C 79 -12.66 -0.74 -10.40
C PHE C 79 -13.65 0.14 -9.67
N PHE C 80 -13.20 1.24 -9.09
CA PHE C 80 -14.12 2.12 -8.40
C PHE C 80 -14.99 2.89 -9.37
N ASN C 81 -14.46 3.17 -10.55
CA ASN C 81 -15.22 3.87 -11.58
C ASN C 81 -16.36 2.96 -12.02
N LEU C 82 -16.10 1.66 -12.08
CA LEU C 82 -17.15 0.73 -12.49
C LEU C 82 -18.23 0.65 -11.40
N LEU C 83 -17.82 0.57 -10.14
CA LEU C 83 -18.78 0.51 -9.04
C LEU C 83 -19.53 1.83 -8.89
N ALA C 84 -18.83 2.92 -9.17
CA ALA C 84 -19.39 4.27 -9.05
C ALA C 84 -20.43 4.63 -10.11
N GLN C 85 -20.47 3.88 -11.21
CA GLN C 85 -21.43 4.17 -12.25
C GLN C 85 -22.85 4.18 -11.71
N LYS C 86 -23.14 3.21 -10.86
CA LYS C 86 -24.46 3.08 -10.25
C LYS C 86 -24.91 4.34 -9.48
N LEU C 87 -23.95 5.17 -9.07
CA LEU C 87 -24.24 6.39 -8.30
C LEU C 87 -24.34 7.69 -9.08
N GLU C 88 -23.93 7.67 -10.35
CA GLU C 88 -23.96 8.86 -11.22
C GLU C 88 -23.29 10.06 -10.53
N LEU C 89 -22.06 9.89 -10.06
CA LEU C 89 -21.38 10.98 -9.36
C LEU C 89 -21.08 12.23 -10.18
N HIS C 90 -20.91 12.09 -11.48
CA HIS C 90 -20.62 13.24 -12.32
C HIS C 90 -21.61 14.38 -12.11
N LYS C 91 -22.83 14.04 -11.74
CA LYS C 91 -23.86 15.07 -11.53
C LYS C 91 -23.99 15.60 -10.10
N PHE C 92 -23.09 15.20 -9.21
CA PHE C 92 -23.15 15.66 -7.82
C PHE C 92 -21.85 16.35 -7.46
N ILE C 93 -20.80 15.98 -8.16
CA ILE C 93 -19.47 16.53 -7.91
C ILE C 93 -19.34 18.01 -8.22
N ARG C 94 -18.66 18.74 -7.34
CA ARG C 94 -18.46 20.18 -7.49
C ARG C 94 -17.03 20.47 -7.93
N ILE C 95 -16.89 20.96 -9.16
CA ILE C 95 -15.58 21.27 -9.68
C ILE C 95 -15.55 22.62 -10.40
N LYS C 96 -14.44 23.32 -10.18
CA LYS C 96 -14.28 24.63 -10.80
C LYS C 96 -13.27 24.50 -11.94
N ARG C 97 -13.72 24.76 -13.16
CA ARG C 97 -12.94 24.65 -14.40
C ARG C 97 -12.15 23.36 -14.53
N GLY C 98 -12.49 22.37 -13.75
CA GLY C 98 -11.83 21.08 -13.89
C GLY C 98 -12.66 20.20 -14.82
N LYS C 99 -12.16 19.02 -15.13
CA LYS C 99 -12.86 18.03 -15.94
C LYS C 99 -13.03 16.81 -15.08
N ILE C 100 -14.26 16.42 -14.76
CA ILE C 100 -14.51 15.26 -13.91
C ILE C 100 -13.95 13.94 -14.45
N ASN C 101 -12.64 13.75 -14.29
CA ASN C 101 -11.96 12.56 -14.78
C ASN C 101 -12.17 11.27 -13.96
N GLU C 102 -11.62 10.22 -14.47
CA GLU C 102 -11.69 8.92 -13.81
C GLU C 102 -10.97 8.94 -12.47
N THR C 103 -10.09 9.91 -12.26
CA THR C 103 -9.35 10.02 -11.01
C THR C 103 -10.18 10.74 -9.98
N ILE C 104 -10.87 11.79 -10.42
CA ILE C 104 -11.71 12.54 -9.51
C ILE C 104 -12.78 11.60 -8.98
N ILE C 105 -13.52 10.97 -9.87
CA ILE C 105 -14.58 10.04 -9.48
C ILE C 105 -14.05 9.03 -8.46
N GLY C 106 -12.89 8.45 -8.77
CA GLY C 106 -12.29 7.48 -7.88
C GLY C 106 -12.13 8.01 -6.46
N ASP C 107 -11.65 9.24 -6.34
CA ASP C 107 -11.45 9.81 -5.02
C ASP C 107 -12.74 10.17 -4.32
N VAL C 108 -13.71 10.66 -5.08
CA VAL C 108 -14.96 11.01 -4.43
C VAL C 108 -15.61 9.73 -3.94
N PHE C 109 -15.47 8.66 -4.71
CA PHE C 109 -16.07 7.39 -4.30
C PHE C 109 -15.56 7.06 -2.91
N GLU C 110 -14.24 7.03 -2.77
CA GLU C 110 -13.61 6.72 -1.51
C GLU C 110 -14.03 7.72 -0.43
N ALA C 111 -13.94 9.02 -0.74
CA ALA C 111 -14.34 10.05 0.21
C ALA C 111 -15.81 9.94 0.64
N LEU C 112 -16.68 9.50 -0.27
CA LEU C 112 -18.09 9.36 0.06
C LEU C 112 -18.33 8.37 1.19
N TRP C 113 -17.57 7.28 1.17
CA TRP C 113 -17.72 6.25 2.20
C TRP C 113 -17.08 6.62 3.53
N ALA C 114 -16.10 7.51 3.51
CA ALA C 114 -15.51 7.96 4.75
C ALA C 114 -16.59 8.86 5.36
N ALA C 115 -17.20 9.68 4.52
CA ALA C 115 -18.22 10.61 4.97
C ALA C 115 -19.44 9.92 5.58
N VAL C 116 -19.78 8.75 5.08
CA VAL C 116 -20.91 8.00 5.61
C VAL C 116 -20.53 7.49 6.99
N TYR C 117 -19.33 6.92 7.07
CA TYR C 117 -18.76 6.38 8.29
C TYR C 117 -18.83 7.40 9.41
N ILE C 118 -18.20 8.55 9.18
CA ILE C 118 -18.19 9.65 10.15
C ILE C 118 -19.59 10.10 10.56
N ASP C 119 -20.41 10.47 9.59
CA ASP C 119 -21.78 10.93 9.85
C ASP C 119 -22.60 9.86 10.55
N SER C 120 -22.18 8.62 10.40
CA SER C 120 -22.86 7.47 11.01
C SER C 120 -22.47 7.32 12.48
N GLY C 121 -21.68 8.26 12.98
CA GLY C 121 -21.21 8.22 14.35
C GLY C 121 -19.99 7.30 14.44
N ARG C 122 -19.41 7.02 13.27
CA ARG C 122 -18.23 6.17 13.11
C ARG C 122 -18.53 4.69 13.31
N ASP C 123 -19.68 4.28 12.81
CA ASP C 123 -20.19 2.90 12.87
C ASP C 123 -19.62 2.19 11.65
N ALA C 124 -18.61 1.35 11.84
CA ALA C 124 -17.99 0.64 10.72
C ALA C 124 -18.79 -0.58 10.22
N ASN C 125 -19.69 -1.10 11.05
CA ASN C 125 -20.50 -2.25 10.66
C ASN C 125 -21.59 -1.79 9.72
N PHE C 126 -22.32 -0.77 10.14
CA PHE C 126 -23.39 -0.22 9.34
C PHE C 126 -22.85 0.20 7.98
N THR C 127 -21.74 0.94 7.98
CA THR C 127 -21.12 1.42 6.75
C THR C 127 -20.65 0.24 5.88
N ARG C 128 -20.14 -0.80 6.51
CA ARG C 128 -19.70 -1.96 5.74
C ARG C 128 -20.95 -2.60 5.12
N GLU C 129 -22.09 -2.51 5.79
CA GLU C 129 -23.29 -3.13 5.24
C GLU C 129 -23.90 -2.33 4.10
N LEU C 130 -23.87 -1.01 4.19
CA LEU C 130 -24.38 -0.17 3.12
C LEU C 130 -23.56 -0.50 1.88
N PHE C 131 -22.24 -0.52 2.05
CA PHE C 131 -21.32 -0.82 0.98
C PHE C 131 -21.69 -2.15 0.33
N TYR C 132 -21.89 -3.18 1.14
CA TYR C 132 -22.23 -4.49 0.58
C TYR C 132 -23.58 -4.51 -0.11
N LYS C 133 -24.59 -3.92 0.53
CA LYS C 133 -25.93 -3.90 -0.08
C LYS C 133 -25.84 -3.37 -1.50
N LEU C 134 -24.87 -2.50 -1.74
CA LEU C 134 -24.66 -1.90 -3.05
C LEU C 134 -23.63 -2.57 -3.95
N PHE C 135 -22.57 -3.14 -3.38
CA PHE C 135 -21.55 -3.71 -4.24
C PHE C 135 -21.07 -5.13 -4.03
N LYS C 136 -21.60 -5.85 -3.04
CA LYS C 136 -21.11 -7.20 -2.81
C LYS C 136 -21.20 -8.07 -4.06
N GLU C 137 -22.35 -8.02 -4.74
CA GLU C 137 -22.55 -8.81 -5.95
C GLU C 137 -21.50 -8.53 -7.03
N ASP C 138 -21.24 -7.26 -7.30
CA ASP C 138 -20.24 -6.87 -8.30
C ASP C 138 -18.87 -7.43 -7.90
N ILE C 139 -18.54 -7.23 -6.62
CA ILE C 139 -17.27 -7.67 -6.08
C ILE C 139 -17.12 -9.17 -6.11
N LEU C 140 -18.16 -9.88 -5.69
CA LEU C 140 -18.14 -11.34 -5.67
C LEU C 140 -17.96 -11.89 -7.09
N SER C 141 -18.52 -11.19 -8.06
CA SER C 141 -18.44 -11.59 -9.45
C SER C 141 -17.01 -11.43 -9.97
N ALA C 142 -16.44 -10.25 -9.76
CA ALA C 142 -15.10 -9.92 -10.20
C ALA C 142 -14.09 -10.88 -9.58
N ILE C 143 -14.34 -11.27 -8.34
CA ILE C 143 -13.48 -12.22 -7.60
C ILE C 143 -13.61 -13.60 -8.24
N LYS C 144 -14.84 -13.95 -8.57
CA LYS C 144 -15.13 -15.24 -9.17
C LYS C 144 -14.35 -15.42 -10.46
N GLU C 145 -14.24 -14.34 -11.24
CA GLU C 145 -13.52 -14.40 -12.51
C GLU C 145 -12.11 -13.81 -12.43
N GLY C 146 -11.62 -13.61 -11.22
CA GLY C 146 -10.28 -13.04 -11.06
C GLY C 146 -9.17 -13.85 -11.69
N ARG C 147 -8.14 -13.16 -12.16
CA ARG C 147 -6.99 -13.80 -12.80
C ARG C 147 -5.77 -12.90 -12.78
N VAL C 148 -4.64 -13.43 -12.30
CA VAL C 148 -3.40 -12.66 -12.26
C VAL C 148 -2.95 -12.45 -13.70
N LYS C 149 -2.81 -11.19 -14.12
CA LYS C 149 -2.39 -10.91 -15.49
C LYS C 149 -0.99 -10.30 -15.51
N LYS C 150 0.05 -11.14 -15.51
CA LYS C 150 1.43 -10.67 -15.51
C LYS C 150 1.81 -9.86 -16.75
N ASP C 151 2.60 -8.81 -16.55
CA ASP C 151 3.04 -7.96 -17.65
C ASP C 151 4.27 -8.53 -18.32
N TYR C 152 4.51 -8.07 -19.55
CA TYR C 152 5.62 -8.53 -20.38
C TYR C 152 7.01 -8.52 -19.72
N LYS C 153 7.39 -7.40 -19.13
CA LYS C 153 8.68 -7.32 -18.48
C LYS C 153 8.83 -8.45 -17.44
N THR C 154 7.79 -8.71 -16.65
CA THR C 154 7.82 -9.77 -15.66
C THR C 154 7.92 -11.15 -16.31
N ILE C 155 7.06 -11.40 -17.29
CA ILE C 155 7.06 -12.69 -17.98
C ILE C 155 8.43 -12.98 -18.57
N LEU C 156 8.94 -11.99 -19.31
CA LEU C 156 10.24 -12.11 -19.94
C LEU C 156 11.34 -12.36 -18.93
N GLN C 157 11.41 -11.55 -17.90
CA GLN C 157 12.44 -11.72 -16.89
C GLN C 157 12.37 -13.11 -16.26
N GLU C 158 11.17 -13.66 -16.18
CA GLU C 158 10.98 -14.98 -15.59
C GLU C 158 11.35 -16.10 -16.57
N ILE C 159 11.41 -15.77 -17.85
CA ILE C 159 11.79 -16.75 -18.86
C ILE C 159 13.32 -16.83 -18.94
N THR C 160 13.97 -15.68 -18.92
CA THR C 160 15.42 -15.63 -19.02
C THR C 160 16.11 -16.17 -17.77
N GLN C 161 15.50 -15.97 -16.61
CA GLN C 161 16.09 -16.45 -15.37
C GLN C 161 15.97 -17.97 -15.26
N LYS C 162 14.87 -18.50 -15.78
CA LYS C 162 14.64 -19.93 -15.74
C LYS C 162 15.56 -20.66 -16.72
N ARG C 163 15.63 -20.17 -17.94
CA ARG C 163 16.46 -20.78 -18.97
C ARG C 163 17.95 -20.51 -18.82
N TRP C 164 18.33 -19.25 -18.59
CA TRP C 164 19.75 -18.90 -18.48
C TRP C 164 20.16 -18.33 -17.14
N LYS C 165 19.19 -18.04 -16.29
CA LYS C 165 19.50 -17.49 -14.98
C LYS C 165 20.06 -16.07 -15.10
N GLU C 166 19.65 -15.38 -16.16
CA GLU C 166 20.10 -14.02 -16.42
C GLU C 166 18.91 -13.15 -16.81
N ARG C 167 19.00 -11.87 -16.50
CA ARG C 167 17.94 -10.91 -16.80
C ARG C 167 18.23 -10.08 -18.03
N PRO C 168 17.19 -9.68 -18.77
CA PRO C 168 17.42 -8.86 -19.98
C PRO C 168 17.82 -7.45 -19.56
N GLU C 169 18.41 -6.71 -20.47
CA GLU C 169 18.80 -5.36 -20.16
C GLU C 169 18.05 -4.46 -21.10
N TYR C 170 17.68 -3.28 -20.65
CA TYR C 170 16.96 -2.34 -21.48
C TYR C 170 17.83 -1.11 -21.61
N ARG C 171 17.87 -0.50 -22.79
CA ARG C 171 18.66 0.69 -22.97
C ARG C 171 17.91 1.67 -23.86
N LEU C 172 18.01 2.95 -23.53
CA LEU C 172 17.35 3.99 -24.29
C LEU C 172 18.10 4.21 -25.61
N ILE C 173 17.37 4.14 -26.73
CA ILE C 173 17.96 4.34 -28.05
C ILE C 173 17.77 5.77 -28.52
N SER C 174 16.61 6.35 -28.20
CA SER C 174 16.32 7.72 -28.60
C SER C 174 15.06 8.28 -27.94
N VAL C 175 14.93 9.60 -27.97
CA VAL C 175 13.78 10.30 -27.41
C VAL C 175 13.32 11.33 -28.44
N GLU C 176 12.02 11.34 -28.71
CA GLU C 176 11.43 12.26 -29.70
C GLU C 176 10.26 13.10 -29.17
N GLY C 177 10.04 14.25 -29.80
CA GLY C 177 8.91 15.11 -29.45
C GLY C 177 9.01 16.17 -28.38
N PRO C 178 7.88 16.86 -28.10
CA PRO C 178 7.78 17.93 -27.10
C PRO C 178 7.81 17.26 -25.74
N HIS C 179 8.19 18.00 -24.69
CA HIS C 179 8.26 17.43 -23.35
C HIS C 179 6.93 16.88 -22.83
N HIS C 180 5.82 17.52 -23.20
CA HIS C 180 4.53 17.06 -22.74
C HIS C 180 4.01 15.96 -23.68
N LYS C 181 4.80 15.67 -24.70
CA LYS C 181 4.49 14.63 -25.70
C LYS C 181 5.78 13.97 -26.18
N LYS C 182 6.35 13.08 -25.37
CA LYS C 182 7.59 12.40 -25.77
C LYS C 182 7.33 10.99 -26.31
N LYS C 183 8.19 10.58 -27.24
CA LYS C 183 8.10 9.25 -27.84
C LYS C 183 9.44 8.60 -27.55
N PHE C 184 9.40 7.43 -26.92
CA PHE C 184 10.63 6.76 -26.56
C PHE C 184 10.85 5.51 -27.36
N ILE C 185 12.11 5.20 -27.61
CA ILE C 185 12.46 3.98 -28.33
C ILE C 185 13.48 3.28 -27.46
N VAL C 186 13.13 2.09 -27.03
CA VAL C 186 13.95 1.30 -26.13
C VAL C 186 14.43 -0.01 -26.74
N GLU C 187 15.57 -0.49 -26.28
CA GLU C 187 16.11 -1.75 -26.76
C GLU C 187 16.17 -2.78 -25.63
N ALA C 188 15.67 -3.98 -25.92
CA ALA C 188 15.71 -5.05 -24.94
C ALA C 188 16.72 -6.04 -25.49
N LYS C 189 17.52 -6.62 -24.62
CA LYS C 189 18.50 -7.59 -25.06
C LYS C 189 18.79 -8.65 -24.00
N ILE C 190 19.08 -9.85 -24.47
CA ILE C 190 19.42 -10.99 -23.63
C ILE C 190 20.26 -11.88 -24.52
N LYS C 191 21.50 -12.10 -24.18
CA LYS C 191 22.39 -12.93 -25.02
C LYS C 191 22.65 -12.12 -26.28
N GLU C 192 22.39 -12.73 -27.41
CA GLU C 192 22.58 -12.06 -28.68
C GLU C 192 21.26 -11.69 -29.32
N TYR C 193 20.18 -11.77 -28.54
CA TYR C 193 18.84 -11.42 -29.00
C TYR C 193 18.56 -9.98 -28.62
N ARG C 194 18.08 -9.19 -29.56
CA ARG C 194 17.75 -7.80 -29.28
C ARG C 194 16.52 -7.39 -30.06
N THR C 195 15.68 -6.50 -29.50
CA THR C 195 14.45 -6.04 -30.11
C THR C 195 14.19 -4.62 -29.66
N LEU C 196 13.35 -3.89 -30.39
CA LEU C 196 13.04 -2.52 -30.04
C LEU C 196 11.60 -2.37 -29.56
N GLY C 197 11.31 -1.22 -28.97
CA GLY C 197 9.98 -0.95 -28.50
C GLY C 197 9.83 0.54 -28.36
N GLU C 198 8.62 1.05 -28.59
CA GLU C 198 8.36 2.48 -28.48
C GLU C 198 7.06 2.75 -27.76
N GLY C 199 6.98 3.89 -27.09
CA GLY C 199 5.78 4.23 -26.36
C GLY C 199 5.92 5.61 -25.78
N LYS C 200 4.88 6.08 -25.08
CA LYS C 200 4.90 7.41 -24.48
C LYS C 200 5.81 7.57 -23.25
N SER C 201 6.46 6.49 -22.82
CA SER C 201 7.37 6.54 -21.67
C SER C 201 8.38 5.43 -21.79
N LYS C 202 9.45 5.48 -21.01
CA LYS C 202 10.44 4.42 -21.09
C LYS C 202 9.73 3.11 -20.77
N LYS C 203 9.03 3.08 -19.63
CA LYS C 203 8.30 1.91 -19.17
C LYS C 203 7.40 1.28 -20.24
N GLU C 204 6.50 2.07 -20.82
CA GLU C 204 5.63 1.53 -21.85
C GLU C 204 6.51 1.02 -22.98
N ALA C 205 7.51 1.82 -23.36
CA ALA C 205 8.45 1.44 -24.43
C ALA C 205 9.14 0.13 -24.10
N GLU C 206 9.62 0.00 -22.86
CA GLU C 206 10.30 -1.21 -22.43
C GLU C 206 9.37 -2.43 -22.50
N GLN C 207 8.08 -2.23 -22.20
CA GLN C 207 7.10 -3.33 -22.25
C GLN C 207 6.93 -3.89 -23.66
N ARG C 208 6.67 -3.01 -24.62
CA ARG C 208 6.52 -3.42 -26.01
C ARG C 208 7.80 -4.11 -26.44
N ALA C 209 8.94 -3.52 -26.06
CA ALA C 209 10.22 -4.11 -26.39
C ALA C 209 10.27 -5.53 -25.86
N ALA C 210 9.82 -5.70 -24.61
CA ALA C 210 9.84 -7.01 -23.96
C ALA C 210 8.86 -8.01 -24.57
N GLU C 211 7.67 -7.54 -24.92
CA GLU C 211 6.69 -8.41 -25.54
C GLU C 211 7.28 -9.05 -26.79
N GLU C 212 7.91 -8.22 -27.62
CA GLU C 212 8.51 -8.70 -28.86
C GLU C 212 9.70 -9.63 -28.62
N LEU C 213 10.42 -9.43 -27.51
CA LEU C 213 11.56 -10.27 -27.19
C LEU C 213 11.04 -11.67 -26.82
N ILE C 214 9.92 -11.73 -26.10
CA ILE C 214 9.32 -13.00 -25.72
C ILE C 214 9.02 -13.75 -27.00
N LYS C 215 8.36 -13.06 -27.93
CA LYS C 215 7.97 -13.60 -29.23
C LYS C 215 9.21 -14.09 -30.01
N LEU C 216 10.24 -13.26 -30.03
CA LEU C 216 11.49 -13.58 -30.70
C LEU C 216 12.06 -14.87 -30.12
N LEU C 217 12.11 -14.95 -28.80
CA LEU C 217 12.65 -16.13 -28.13
C LEU C 217 11.82 -17.38 -28.32
N GLU C 218 10.57 -17.36 -27.84
CA GLU C 218 9.70 -18.52 -27.93
C GLU C 218 9.63 -19.03 -29.36
N GLU C 219 9.87 -18.15 -30.32
CA GLU C 219 9.85 -18.52 -31.73
C GLU C 219 11.17 -19.17 -32.12
N SER C 220 12.27 -18.46 -31.89
CA SER C 220 13.61 -18.95 -32.21
C SER C 220 14.13 -20.03 -31.26
N LYS D 2 -5.25 -23.42 27.74
CA LYS D 2 -4.06 -23.81 28.56
C LYS D 2 -3.39 -22.54 29.06
N MET D 3 -2.38 -22.09 28.33
CA MET D 3 -1.67 -20.87 28.65
C MET D 3 -2.26 -19.77 27.78
N LEU D 4 -3.13 -20.19 26.86
CA LEU D 4 -3.82 -19.28 25.96
C LEU D 4 -4.64 -18.33 26.82
N GLU D 5 -5.26 -18.91 27.84
CA GLU D 5 -6.09 -18.17 28.77
C GLU D 5 -5.32 -16.97 29.31
N GLN D 6 -3.99 -17.07 29.30
CA GLN D 6 -3.15 -15.99 29.81
C GLN D 6 -3.05 -14.86 28.79
N LEU D 7 -3.09 -15.20 27.51
CA LEU D 7 -3.02 -14.19 26.46
C LEU D 7 -4.38 -13.52 26.34
N GLU D 8 -5.44 -14.30 26.52
CA GLU D 8 -6.81 -13.77 26.45
C GLU D 8 -6.98 -12.70 27.50
N LYS D 9 -6.27 -12.83 28.62
CA LYS D 9 -6.38 -11.84 29.68
C LYS D 9 -5.68 -10.54 29.32
N LYS D 10 -4.56 -10.63 28.58
CA LYS D 10 -3.81 -9.43 28.16
C LYS D 10 -4.64 -8.66 27.13
N LEU D 11 -5.24 -9.40 26.20
CA LEU D 11 -6.12 -8.83 25.18
C LEU D 11 -7.39 -8.30 25.81
N GLY D 12 -7.89 -9.00 26.82
CA GLY D 12 -9.11 -8.59 27.45
C GLY D 12 -10.26 -9.06 26.59
N TYR D 13 -10.09 -10.24 26.02
CA TYR D 13 -11.11 -10.81 25.19
C TYR D 13 -11.03 -12.32 25.29
N THR D 14 -12.19 -12.98 25.25
CA THR D 14 -12.26 -14.43 25.35
C THR D 14 -12.82 -15.03 24.06
N PHE D 15 -12.06 -15.92 23.43
CA PHE D 15 -12.53 -16.52 22.19
C PHE D 15 -13.55 -17.61 22.46
N LYS D 16 -14.39 -17.86 21.45
CA LYS D 16 -15.40 -18.91 21.51
C LYS D 16 -14.76 -20.09 20.78
N ASP D 17 -13.91 -19.78 19.81
CA ASP D 17 -13.19 -20.76 19.01
C ASP D 17 -11.70 -20.59 19.27
N LYS D 18 -11.20 -21.28 20.28
CA LYS D 18 -9.79 -21.15 20.61
C LYS D 18 -8.89 -21.67 19.50
N SER D 19 -9.46 -22.45 18.57
CA SER D 19 -8.68 -22.97 17.45
C SER D 19 -8.30 -21.80 16.53
N LEU D 20 -9.19 -20.81 16.51
CA LEU D 20 -9.02 -19.61 15.72
C LEU D 20 -7.82 -18.81 16.25
N LEU D 21 -7.79 -18.65 17.56
CA LEU D 21 -6.74 -17.93 18.24
C LEU D 21 -5.42 -18.65 18.05
N GLU D 22 -5.46 -19.98 17.98
CA GLU D 22 -4.24 -20.75 17.82
C GLU D 22 -3.66 -20.59 16.42
N LYS D 23 -4.55 -20.40 15.45
CA LYS D 23 -4.14 -20.24 14.07
C LYS D 23 -3.35 -18.95 13.96
N ALA D 24 -3.87 -17.90 14.59
CA ALA D 24 -3.25 -16.59 14.56
C ALA D 24 -1.83 -16.64 15.10
N LEU D 25 -1.60 -17.61 15.98
CA LEU D 25 -0.31 -17.81 16.65
C LEU D 25 0.64 -18.81 15.98
N THR D 26 0.15 -19.57 15.02
CA THR D 26 0.96 -20.59 14.34
C THR D 26 1.64 -20.22 13.02
N HIS D 27 2.95 -20.44 12.97
CA HIS D 27 3.75 -20.14 11.77
C HIS D 27 3.63 -21.32 10.82
N VAL D 28 4.00 -21.12 9.56
CA VAL D 28 3.91 -22.18 8.56
C VAL D 28 4.75 -23.41 8.89
N SER D 29 5.96 -23.19 9.41
CA SER D 29 6.87 -24.28 9.77
C SER D 29 6.28 -25.25 10.78
N TYR D 30 5.51 -24.72 11.72
CA TYR D 30 4.90 -25.53 12.75
C TYR D 30 3.67 -26.32 12.29
N SER D 31 2.97 -25.80 11.29
CA SER D 31 1.78 -26.47 10.76
C SER D 31 1.52 -26.00 9.33
N LYS D 32 1.63 -26.91 8.36
CA LYS D 32 1.42 -26.57 6.96
C LYS D 32 -0.05 -26.34 6.63
N LYS D 33 -0.94 -26.84 7.47
CA LYS D 33 -2.35 -26.67 7.19
C LYS D 33 -2.99 -25.48 7.88
N GLU D 34 -2.72 -25.30 9.16
CA GLU D 34 -3.34 -24.18 9.86
C GLU D 34 -2.40 -23.12 10.38
N HIS D 35 -2.07 -22.13 9.54
CA HIS D 35 -1.18 -21.08 10.02
C HIS D 35 -1.77 -19.68 9.77
N TYR D 36 -1.08 -18.66 10.26
CA TYR D 36 -1.59 -17.28 10.22
C TYR D 36 -1.51 -16.47 8.93
N GLU D 37 -0.96 -17.03 7.87
CA GLU D 37 -0.75 -16.23 6.65
C GLU D 37 -1.97 -15.48 6.11
N THR D 38 -3.13 -16.14 6.04
CA THR D 38 -4.34 -15.51 5.50
C THR D 38 -4.96 -14.52 6.47
N LEU D 39 -4.87 -14.84 7.75
CA LEU D 39 -5.40 -13.96 8.77
C LEU D 39 -4.54 -12.70 8.84
N GLU D 40 -3.27 -12.81 8.48
CA GLU D 40 -2.39 -11.65 8.49
C GLU D 40 -2.87 -10.74 7.37
N PHE D 41 -3.30 -11.34 6.28
CA PHE D 41 -3.82 -10.59 5.13
C PHE D 41 -4.98 -9.71 5.58
N LEU D 42 -5.93 -10.33 6.29
CA LEU D 42 -7.11 -9.63 6.79
C LEU D 42 -6.75 -8.67 7.91
N GLY D 43 -5.76 -9.04 8.72
CA GLY D 43 -5.33 -8.19 9.82
C GLY D 43 -4.75 -6.86 9.34
N ASP D 44 -3.98 -6.91 8.26
CA ASP D 44 -3.35 -5.71 7.68
C ASP D 44 -4.40 -4.63 7.45
N ALA D 45 -5.47 -5.00 6.76
CA ALA D 45 -6.56 -4.08 6.46
C ALA D 45 -7.18 -3.53 7.73
N LEU D 46 -7.66 -4.43 8.58
CA LEU D 46 -8.30 -4.05 9.84
C LEU D 46 -7.50 -3.02 10.61
N VAL D 47 -6.24 -3.34 10.90
CA VAL D 47 -5.37 -2.45 11.64
C VAL D 47 -5.03 -1.17 10.91
N ASN D 48 -4.75 -1.26 9.61
CA ASN D 48 -4.43 -0.06 8.87
C ASN D 48 -5.58 0.90 9.05
N PHE D 49 -6.79 0.37 8.99
CA PHE D 49 -8.01 1.16 9.16
C PHE D 49 -8.11 1.79 10.55
N PHE D 50 -7.77 1.06 11.60
CA PHE D 50 -7.84 1.64 12.94
C PHE D 50 -6.87 2.81 13.08
N ILE D 51 -5.63 2.60 12.62
CA ILE D 51 -4.59 3.61 12.68
C ILE D 51 -5.00 4.85 11.91
N VAL D 52 -5.41 4.63 10.67
CA VAL D 52 -5.84 5.74 9.85
C VAL D 52 -6.99 6.49 10.51
N ASP D 53 -7.93 5.76 11.09
CA ASP D 53 -9.06 6.42 11.72
C ASP D 53 -8.57 7.48 12.71
N LEU D 54 -7.63 7.11 13.57
CA LEU D 54 -7.10 8.03 14.56
C LEU D 54 -6.26 9.16 13.94
N LEU D 55 -5.32 8.74 13.10
CA LEU D 55 -4.41 9.67 12.45
C LEU D 55 -5.14 10.88 11.91
N VAL D 56 -6.28 10.61 11.27
CA VAL D 56 -7.12 11.62 10.66
C VAL D 56 -7.78 12.50 11.70
N GLN D 57 -8.05 11.95 12.88
CA GLN D 57 -8.68 12.75 13.92
C GLN D 57 -7.70 13.63 14.70
N TYR D 58 -6.51 13.07 15.02
CA TYR D 58 -5.58 13.79 15.87
C TYR D 58 -4.33 14.38 15.26
N SER D 59 -3.94 13.95 14.06
CA SER D 59 -2.77 14.52 13.47
C SER D 59 -2.83 16.04 13.62
N PRO D 60 -1.67 16.64 13.93
CA PRO D 60 -1.56 18.10 13.97
C PRO D 60 -1.60 18.71 12.57
N ASN D 61 -0.85 18.11 11.66
CA ASN D 61 -0.78 18.56 10.27
C ASN D 61 -1.48 17.55 9.39
N LYS D 62 -2.47 17.98 8.62
CA LYS D 62 -3.20 17.06 7.77
C LYS D 62 -2.88 17.13 6.28
N ARG D 63 -1.61 17.41 5.97
CA ARG D 63 -1.13 17.49 4.59
C ARG D 63 -0.80 16.09 4.09
N GLU D 64 -1.04 15.83 2.81
CA GLU D 64 -0.76 14.52 2.21
C GLU D 64 0.68 14.12 2.44
N GLY D 65 1.58 15.10 2.27
CA GLY D 65 2.99 14.85 2.43
C GLY D 65 3.43 14.51 3.83
N PHE D 66 2.60 14.84 4.82
CA PHE D 66 2.91 14.55 6.21
C PHE D 66 2.24 13.25 6.63
N LEU D 67 0.94 13.15 6.35
CA LEU D 67 0.11 12.00 6.65
C LEU D 67 0.57 10.66 6.09
N SER D 68 1.02 10.62 4.84
CA SER D 68 1.50 9.38 4.25
C SER D 68 2.73 8.82 4.97
N PRO D 69 3.78 9.64 5.15
CA PRO D 69 5.01 9.20 5.83
C PRO D 69 4.70 8.73 7.25
N LEU D 70 3.84 9.47 7.93
CA LEU D 70 3.49 9.13 9.29
C LEU D 70 2.68 7.84 9.32
N LYS D 71 1.67 7.75 8.47
CA LYS D 71 0.86 6.54 8.44
C LYS D 71 1.73 5.33 8.15
N ALA D 72 2.70 5.51 7.25
CA ALA D 72 3.59 4.42 6.88
C ALA D 72 4.35 3.89 8.10
N TYR D 73 4.76 4.79 8.98
CA TYR D 73 5.48 4.38 10.17
C TYR D 73 4.54 3.73 11.19
N LEU D 74 3.44 4.40 11.52
CA LEU D 74 2.48 3.86 12.48
C LEU D 74 1.91 2.50 12.10
N ILE D 75 2.10 2.10 10.86
CA ILE D 75 1.57 0.84 10.34
C ILE D 75 2.71 -0.17 10.11
N SER D 76 3.93 0.28 10.34
CA SER D 76 5.11 -0.56 10.12
C SER D 76 5.42 -1.60 11.19
N GLU D 77 6.15 -2.63 10.77
CA GLU D 77 6.58 -3.72 11.62
C GLU D 77 7.19 -3.12 12.89
N GLU D 78 8.19 -2.29 12.69
CA GLU D 78 8.90 -1.63 13.78
C GLU D 78 7.91 -1.13 14.82
N PHE D 79 6.86 -0.46 14.37
CA PHE D 79 5.86 0.06 15.28
C PHE D 79 4.96 -1.00 15.92
N PHE D 80 4.68 -2.09 15.22
CA PHE D 80 3.85 -3.13 15.82
C PHE D 80 4.59 -3.96 16.85
N ASN D 81 5.92 -3.98 16.76
CA ASN D 81 6.73 -4.72 17.72
C ASN D 81 6.66 -3.96 19.06
N LEU D 82 6.61 -2.65 18.99
CA LEU D 82 6.54 -1.82 20.18
C LEU D 82 5.19 -2.02 20.87
N LEU D 83 4.12 -2.08 20.08
CA LEU D 83 2.78 -2.28 20.63
C LEU D 83 2.58 -3.71 21.12
N ALA D 84 3.24 -4.66 20.46
CA ALA D 84 3.10 -6.07 20.82
C ALA D 84 3.85 -6.49 22.09
N GLN D 85 4.70 -5.61 22.60
CA GLN D 85 5.45 -5.93 23.79
C GLN D 85 4.46 -6.18 24.93
N LYS D 86 3.54 -5.25 25.09
CA LYS D 86 2.51 -5.36 26.14
C LYS D 86 1.85 -6.74 26.19
N LEU D 87 1.93 -7.50 25.10
CA LEU D 87 1.31 -8.83 25.01
C LEU D 87 2.22 -10.04 25.11
N GLU D 88 3.53 -9.82 25.17
CA GLU D 88 4.49 -10.93 25.27
C GLU D 88 4.17 -12.06 24.30
N LEU D 89 4.05 -11.75 23.03
CA LEU D 89 3.73 -12.79 22.07
C LEU D 89 4.76 -13.90 21.93
N HIS D 90 6.01 -13.61 22.24
CA HIS D 90 7.07 -14.61 22.11
C HIS D 90 6.75 -15.94 22.81
N LYS D 91 6.03 -15.87 23.93
CA LYS D 91 5.70 -17.08 24.68
C LYS D 91 4.41 -17.82 24.24
N PHE D 92 3.70 -17.28 23.26
CA PHE D 92 2.48 -17.93 22.80
C PHE D 92 2.62 -18.45 21.36
N ILE D 93 3.44 -17.78 20.57
CA ILE D 93 3.66 -18.15 19.18
C ILE D 93 4.15 -19.58 19.06
N ARG D 94 3.69 -20.28 18.04
CA ARG D 94 4.10 -21.67 17.81
C ARG D 94 4.98 -21.77 16.59
N ILE D 95 6.26 -22.12 16.77
CA ILE D 95 7.10 -22.25 15.59
C ILE D 95 8.07 -23.42 15.69
N LYS D 96 8.32 -24.06 14.55
CA LYS D 96 9.24 -25.22 14.44
C LYS D 96 10.58 -24.82 13.82
N ARG D 97 11.72 -25.09 14.53
CA ARG D 97 13.12 -24.75 14.16
C ARG D 97 13.31 -23.33 13.66
N GLY D 98 12.42 -22.42 13.95
CA GLY D 98 12.60 -21.07 13.53
C GLY D 98 12.92 -20.22 14.74
N LYS D 99 13.29 -18.96 14.51
CA LYS D 99 13.59 -18.06 15.62
C LYS D 99 12.57 -16.95 15.54
N ILE D 100 11.83 -16.72 16.62
CA ILE D 100 10.80 -15.71 16.62
C ILE D 100 11.34 -14.30 16.47
N ASN D 101 11.54 -13.89 15.23
CA ASN D 101 12.08 -12.58 14.94
C ASN D 101 11.02 -11.48 14.98
N GLU D 102 11.43 -10.27 14.62
CA GLU D 102 10.57 -9.10 14.60
C GLU D 102 9.61 -9.13 13.42
N THR D 103 9.86 -10.02 12.46
CA THR D 103 8.97 -10.15 11.30
C THR D 103 7.78 -11.00 11.71
N ILE D 104 8.09 -12.08 12.41
CA ILE D 104 7.07 -12.99 12.89
C ILE D 104 6.08 -12.22 13.75
N ILE D 105 6.61 -11.64 14.82
CA ILE D 105 5.78 -10.89 15.76
C ILE D 105 4.86 -9.91 15.05
N GLY D 106 5.40 -9.16 14.10
CA GLY D 106 4.59 -8.21 13.37
C GLY D 106 3.41 -8.90 12.70
N ASP D 107 3.66 -10.07 12.12
CA ASP D 107 2.61 -10.83 11.45
C ASP D 107 1.56 -11.44 12.37
N VAL D 108 1.98 -11.94 13.53
CA VAL D 108 1.06 -12.54 14.46
C VAL D 108 0.21 -11.42 15.07
N PHE D 109 0.85 -10.27 15.28
CA PHE D 109 0.14 -9.13 15.85
C PHE D 109 -1.08 -8.83 14.98
N GLU D 110 -0.83 -8.64 13.70
CA GLU D 110 -1.88 -8.34 12.74
C GLU D 110 -2.88 -9.49 12.67
N ALA D 111 -2.37 -10.72 12.59
CA ALA D 111 -3.24 -11.88 12.51
C ALA D 111 -4.12 -11.98 13.74
N LEU D 112 -3.57 -11.59 14.89
CA LEU D 112 -4.33 -11.67 16.13
C LEU D 112 -5.57 -10.82 16.08
N TRP D 113 -5.47 -9.64 15.47
CA TRP D 113 -6.64 -8.75 15.34
C TRP D 113 -7.65 -9.25 14.35
N ALA D 114 -7.20 -9.94 13.33
CA ALA D 114 -8.16 -10.49 12.36
C ALA D 114 -8.95 -11.57 13.11
N ALA D 115 -8.20 -12.33 13.90
CA ALA D 115 -8.73 -13.44 14.70
C ALA D 115 -9.83 -12.99 15.65
N VAL D 116 -9.64 -11.88 16.33
CA VAL D 116 -10.66 -11.38 17.24
C VAL D 116 -11.88 -10.84 16.47
N TYR D 117 -11.64 -10.26 15.30
CA TYR D 117 -12.70 -9.71 14.47
C TYR D 117 -13.64 -10.82 14.06
N ILE D 118 -13.09 -11.84 13.44
CA ILE D 118 -13.85 -12.99 12.99
C ILE D 118 -14.61 -13.66 14.15
N ASP D 119 -13.87 -13.94 15.22
CA ASP D 119 -14.40 -14.59 16.40
C ASP D 119 -15.54 -13.82 17.04
N SER D 120 -15.50 -12.51 16.91
CA SER D 120 -16.55 -11.67 17.48
C SER D 120 -17.71 -11.58 16.49
N GLY D 121 -17.76 -12.52 15.56
CA GLY D 121 -18.82 -12.55 14.56
C GLY D 121 -18.67 -11.47 13.50
N ARG D 122 -17.43 -11.03 13.27
CA ARG D 122 -17.09 -9.96 12.32
C ARG D 122 -17.64 -8.61 12.75
N ASP D 123 -17.41 -8.28 14.02
CA ASP D 123 -17.86 -7.03 14.61
C ASP D 123 -16.69 -6.05 14.55
N ALA D 124 -16.75 -5.09 13.63
CA ALA D 124 -15.69 -4.11 13.45
C ALA D 124 -15.56 -3.03 14.53
N ASN D 125 -16.69 -2.60 15.09
CA ASN D 125 -16.66 -1.56 16.14
C ASN D 125 -16.05 -2.10 17.44
N PHE D 126 -16.51 -3.29 17.82
CA PHE D 126 -16.04 -3.95 19.02
C PHE D 126 -14.53 -4.14 18.95
N THR D 127 -14.07 -4.66 17.83
CA THR D 127 -12.65 -4.91 17.65
C THR D 127 -11.87 -3.61 17.61
N ARG D 128 -12.46 -2.58 17.02
CA ARG D 128 -11.81 -1.28 16.98
C ARG D 128 -11.70 -0.77 18.42
N GLU D 129 -12.68 -1.12 19.25
CA GLU D 129 -12.69 -0.73 20.66
C GLU D 129 -11.63 -1.48 21.49
N LEU D 130 -11.52 -2.78 21.30
CA LEU D 130 -10.50 -3.53 22.01
C LEU D 130 -9.12 -2.94 21.71
N PHE D 131 -8.89 -2.67 20.43
CA PHE D 131 -7.61 -2.12 19.97
C PHE D 131 -7.30 -0.75 20.58
N TYR D 132 -8.28 0.15 20.57
CA TYR D 132 -8.04 1.46 21.14
C TYR D 132 -7.84 1.36 22.66
N LYS D 133 -8.58 0.45 23.28
CA LYS D 133 -8.48 0.28 24.72
C LYS D 133 -7.05 -0.12 25.12
N LEU D 134 -6.35 -0.74 24.18
CA LEU D 134 -4.99 -1.18 24.42
C LEU D 134 -3.91 -0.32 23.78
N PHE D 135 -4.24 0.40 22.70
CA PHE D 135 -3.20 1.15 22.03
C PHE D 135 -3.39 2.63 21.69
N LYS D 136 -4.59 3.16 21.84
CA LYS D 136 -4.85 4.54 21.50
C LYS D 136 -3.80 5.52 22.07
N GLU D 137 -3.56 5.43 23.37
CA GLU D 137 -2.60 6.28 24.05
C GLU D 137 -1.24 6.25 23.35
N ASP D 138 -0.74 5.04 23.15
CA ASP D 138 0.54 4.85 22.51
C ASP D 138 0.54 5.51 21.12
N ILE D 139 -0.51 5.26 20.36
CA ILE D 139 -0.60 5.82 19.02
C ILE D 139 -0.76 7.33 19.07
N LEU D 140 -1.61 7.83 19.96
CA LEU D 140 -1.83 9.26 20.06
C LEU D 140 -0.56 10.00 20.39
N SER D 141 0.31 9.40 21.21
CA SER D 141 1.54 10.06 21.56
C SER D 141 2.53 9.99 20.40
N ALA D 142 2.54 8.85 19.72
CA ALA D 142 3.44 8.64 18.59
C ALA D 142 3.16 9.66 17.51
N ILE D 143 1.87 10.01 17.39
CA ILE D 143 1.37 10.98 16.41
C ILE D 143 1.75 12.39 16.83
N LYS D 144 1.59 12.64 18.12
CA LYS D 144 1.89 13.94 18.70
C LYS D 144 3.33 14.35 18.42
N GLU D 145 4.24 13.37 18.45
CA GLU D 145 5.66 13.60 18.21
C GLU D 145 6.12 13.12 16.83
N GLY D 146 5.15 12.93 15.92
CA GLY D 146 5.46 12.48 14.57
C GLY D 146 6.37 13.45 13.84
N ARG D 147 7.19 12.92 12.94
CA ARG D 147 8.16 13.72 12.18
C ARG D 147 8.56 13.02 10.87
N VAL D 148 8.44 13.71 9.72
CA VAL D 148 8.84 13.09 8.46
C VAL D 148 10.37 13.13 8.39
N LYS D 149 10.96 11.98 8.22
CA LYS D 149 12.42 11.87 8.18
C LYS D 149 12.95 11.50 6.80
N LYS D 150 13.06 12.48 5.90
CA LYS D 150 13.56 12.24 4.54
C LYS D 150 14.95 11.61 4.53
N ASP D 151 15.14 10.66 3.63
CA ASP D 151 16.41 9.97 3.51
C ASP D 151 17.35 10.77 2.63
N TYR D 152 18.65 10.51 2.80
CA TYR D 152 19.69 11.21 2.04
C TYR D 152 19.47 11.30 0.54
N LYS D 153 19.20 10.18 -0.11
CA LYS D 153 18.99 10.22 -1.54
C LYS D 153 17.93 11.25 -1.91
N THR D 154 16.80 11.26 -1.20
CA THR D 154 15.74 12.20 -1.48
C THR D 154 16.21 13.63 -1.27
N ILE D 155 16.85 13.87 -0.11
CA ILE D 155 17.39 15.19 0.22
C ILE D 155 18.31 15.69 -0.89
N LEU D 156 19.42 14.99 -1.09
CA LEU D 156 20.38 15.36 -2.12
C LEU D 156 19.71 15.67 -3.45
N GLN D 157 18.85 14.75 -3.89
CA GLN D 157 18.16 14.92 -5.16
C GLN D 157 17.34 16.22 -5.19
N GLU D 158 16.80 16.61 -4.03
CA GLU D 158 16.03 17.84 -4.00
C GLU D 158 16.89 19.10 -3.95
N ILE D 159 18.13 18.97 -3.49
CA ILE D 159 19.05 20.09 -3.45
C ILE D 159 19.57 20.37 -4.86
N THR D 160 20.04 19.32 -5.53
CA THR D 160 20.57 19.50 -6.87
C THR D 160 19.52 19.93 -7.88
N GLN D 161 18.27 19.50 -7.71
CA GLN D 161 17.24 19.90 -8.65
C GLN D 161 16.87 21.36 -8.42
N LYS D 162 16.94 21.80 -7.17
CA LYS D 162 16.62 23.18 -6.84
C LYS D 162 17.72 24.10 -7.35
N ARG D 163 18.95 23.75 -6.99
CA ARG D 163 20.11 24.55 -7.36
C ARG D 163 20.48 24.52 -8.85
N TRP D 164 20.56 23.33 -9.45
CA TRP D 164 20.92 23.22 -10.87
C TRP D 164 19.87 22.58 -11.77
N LYS D 165 18.80 22.07 -11.18
CA LYS D 165 17.76 21.41 -11.98
C LYS D 165 18.35 20.15 -12.59
N GLU D 166 19.19 19.48 -11.81
CA GLU D 166 19.83 18.24 -12.24
C GLU D 166 19.81 17.22 -11.12
N ARG D 167 19.89 15.94 -11.47
CA ARG D 167 19.90 14.88 -10.49
C ARG D 167 21.28 14.23 -10.47
N PRO D 168 21.72 13.76 -9.30
CA PRO D 168 23.03 13.12 -9.24
C PRO D 168 23.03 11.77 -9.94
N GLU D 169 24.21 11.25 -10.19
CA GLU D 169 24.37 9.96 -10.83
C GLU D 169 24.99 9.04 -9.80
N TYR D 170 24.68 7.76 -9.88
CA TYR D 170 25.24 6.79 -8.95
C TYR D 170 25.76 5.67 -9.82
N ARG D 171 27.05 5.36 -9.71
CA ARG D 171 27.63 4.28 -10.50
C ARG D 171 28.32 3.29 -9.58
N LEU D 172 28.17 2.01 -9.87
CA LEU D 172 28.77 0.96 -9.07
C LEU D 172 30.28 0.91 -9.32
N ILE D 173 31.08 1.01 -8.26
CA ILE D 173 32.52 0.98 -8.42
C ILE D 173 33.07 -0.44 -8.26
N SER D 174 32.52 -1.19 -7.31
CA SER D 174 32.96 -2.56 -7.08
C SER D 174 32.03 -3.32 -6.16
N VAL D 175 32.18 -4.64 -6.16
CA VAL D 175 31.39 -5.53 -5.32
C VAL D 175 32.36 -6.56 -4.76
N GLU D 176 32.23 -6.90 -3.49
CA GLU D 176 33.11 -7.88 -2.90
C GLU D 176 32.47 -8.67 -1.77
N GLY D 177 32.98 -9.87 -1.56
CA GLY D 177 32.47 -10.72 -0.50
C GLY D 177 31.64 -11.88 -1.01
N PRO D 178 31.15 -12.74 -0.10
CA PRO D 178 30.34 -13.88 -0.49
C PRO D 178 28.98 -13.34 -0.93
N HIS D 179 28.24 -14.11 -1.72
CA HIS D 179 26.94 -13.65 -2.20
C HIS D 179 25.96 -13.39 -1.06
N HIS D 180 26.09 -14.12 0.05
CA HIS D 180 25.21 -13.94 1.19
C HIS D 180 25.79 -12.89 2.13
N LYS D 181 26.94 -12.35 1.75
CA LYS D 181 27.62 -11.35 2.55
C LYS D 181 28.36 -10.41 1.60
N LYS D 182 27.62 -9.53 0.91
CA LYS D 182 28.22 -8.61 -0.04
C LYS D 182 28.49 -7.22 0.51
N LYS D 183 29.44 -6.53 -0.12
CA LYS D 183 29.79 -5.17 0.26
C LYS D 183 29.88 -4.37 -1.04
N PHE D 184 29.08 -3.32 -1.12
CA PHE D 184 29.02 -2.48 -2.32
C PHE D 184 29.68 -1.10 -2.17
N ILE D 185 30.45 -0.70 -3.17
CA ILE D 185 31.11 0.61 -3.16
C ILE D 185 30.50 1.41 -4.29
N VAL D 186 29.70 2.41 -3.94
CA VAL D 186 29.03 3.24 -4.94
C VAL D 186 29.60 4.66 -5.00
N GLU D 187 29.51 5.28 -6.18
CA GLU D 187 29.97 6.65 -6.37
C GLU D 187 28.79 7.56 -6.69
N ALA D 188 28.69 8.68 -5.98
CA ALA D 188 27.64 9.65 -6.19
C ALA D 188 28.31 10.81 -6.92
N LYS D 189 27.65 11.37 -7.88
CA LYS D 189 28.26 12.45 -8.64
C LYS D 189 27.21 13.38 -9.21
N ILE D 190 27.52 14.66 -9.12
CA ILE D 190 26.70 15.77 -9.61
C ILE D 190 27.70 16.86 -10.03
N LYS D 191 27.72 17.21 -11.30
CA LYS D 191 28.71 18.19 -11.74
C LYS D 191 30.10 17.60 -11.67
N GLU D 192 30.98 18.30 -10.98
CA GLU D 192 32.31 17.80 -10.86
C GLU D 192 32.56 17.25 -9.45
N TYR D 193 31.51 17.25 -8.62
CA TYR D 193 31.65 16.72 -7.29
C TYR D 193 31.43 15.22 -7.27
N ARG D 194 32.35 14.50 -6.64
CA ARG D 194 32.30 13.05 -6.56
C ARG D 194 32.51 12.59 -5.13
N THR D 195 31.79 11.48 -4.78
CA THR D 195 31.91 10.92 -3.44
C THR D 195 31.61 9.44 -3.50
N LEU D 196 32.18 8.68 -2.57
CA LEU D 196 31.95 7.25 -2.53
C LEU D 196 31.12 6.88 -1.32
N GLY D 197 30.62 5.64 -1.31
CA GLY D 197 29.80 5.17 -0.20
C GLY D 197 29.78 3.66 -0.25
N GLU D 198 29.65 3.00 0.91
CA GLU D 198 29.59 1.54 0.92
C GLU D 198 28.59 1.00 1.93
N GLY D 199 28.10 -0.20 1.67
CA GLY D 199 27.13 -0.82 2.55
C GLY D 199 26.77 -2.19 2.03
N LYS D 200 25.95 -2.91 2.81
CA LYS D 200 25.52 -4.26 2.46
C LYS D 200 24.67 -4.37 1.18
N SER D 201 24.27 -3.24 0.62
CA SER D 201 23.47 -3.22 -0.61
C SER D 201 23.78 -1.96 -1.43
N LYS D 202 23.36 -1.94 -2.69
CA LYS D 202 23.58 -0.77 -3.54
C LYS D 202 22.93 0.43 -2.89
N LYS D 203 21.63 0.33 -2.60
CA LYS D 203 20.92 1.45 -2.02
C LYS D 203 21.55 1.91 -0.69
N GLU D 204 21.88 0.98 0.21
CA GLU D 204 22.49 1.41 1.46
C GLU D 204 23.77 2.16 1.13
N ALA D 205 24.54 1.64 0.18
CA ALA D 205 25.79 2.27 -0.24
C ALA D 205 25.55 3.59 -0.99
N GLU D 206 24.51 3.62 -1.83
CA GLU D 206 24.18 4.83 -2.58
C GLU D 206 23.76 5.90 -1.56
N GLN D 207 23.13 5.46 -0.46
CA GLN D 207 22.67 6.36 0.60
C GLN D 207 23.85 7.01 1.30
N ARG D 208 24.77 6.19 1.79
CA ARG D 208 25.96 6.67 2.46
C ARG D 208 26.70 7.64 1.53
N ALA D 209 26.86 7.25 0.27
CA ALA D 209 27.55 8.10 -0.69
C ALA D 209 26.82 9.44 -0.82
N ALA D 210 25.49 9.42 -0.74
CA ALA D 210 24.69 10.62 -0.87
C ALA D 210 24.77 11.54 0.33
N GLU D 211 24.88 10.99 1.54
CA GLU D 211 25.00 11.86 2.71
C GLU D 211 26.29 12.67 2.61
N GLU D 212 27.36 11.99 2.21
CA GLU D 212 28.66 12.61 2.06
C GLU D 212 28.66 13.67 0.95
N LEU D 213 27.86 13.48 -0.09
CA LEU D 213 27.85 14.48 -1.14
C LEU D 213 27.09 15.70 -0.64
N ILE D 214 26.06 15.47 0.16
CA ILE D 214 25.29 16.57 0.72
C ILE D 214 26.23 17.45 1.54
N LYS D 215 26.97 16.84 2.46
CA LYS D 215 27.91 17.60 3.28
C LYS D 215 29.02 18.15 2.39
N LEU D 216 29.39 17.41 1.36
CA LEU D 216 30.43 17.88 0.46
C LEU D 216 29.99 19.13 -0.27
N LEU D 217 28.68 19.36 -0.34
CA LEU D 217 28.13 20.54 -1.01
C LEU D 217 27.78 21.63 -0.01
N GLU D 218 27.38 21.23 1.20
CA GLU D 218 27.05 22.19 2.24
C GLU D 218 28.34 22.96 2.52
N GLU D 219 29.45 22.40 2.04
CA GLU D 219 30.77 22.98 2.22
C GLU D 219 31.34 23.60 0.93
N SER D 220 30.67 23.37 -0.19
CA SER D 220 31.14 23.90 -1.47
C SER D 220 30.01 24.31 -2.43
MG MG E . -1.88 9.67 -5.09
MG MG F . 4.95 -9.59 2.75
MG MG G . 1.22 -10.20 3.89
MG MG H . -7.49 4.08 -3.50
MG MG I . -7.40 8.04 -4.10
MG MG J . -5.03 10.15 -0.24
MG MG K . 1.81 -4.79 7.29
MG MG L . 3.15 -8.31 7.74
#